data_5XBR
#
_entry.id   5XBR
#
_cell.length_a   140.466
_cell.length_b   140.466
_cell.length_c   48.023
_cell.angle_alpha   90.00
_cell.angle_beta   90.00
_cell.angle_gamma   120.00
#
_symmetry.space_group_name_H-M   'P 6'
#
loop_
_entity.id
_entity.type
_entity.pdbx_description
1 polymer Peroxiredoxin
2 non-polymer GLYCEROL
3 water water
#
_entity_poly.entity_id   1
_entity_poly.type   'polypeptide(L)'
_entity_poly.pdbx_seq_one_letter_code
;MVVIGEKFPEVEVKTTHGVIKLPDYFTKQGKWFILFSHPADFTPV(OCS)TTEFYGMQKRVEEFRKLGVEPIGLSVDQVF
SHIKWIEWIKDNLSVEIDFPVIADDRGELAEKLGMIPSGATITARAVFVVDDKGIIRAIVYYPAEVGRDWDEILRLVKAL
KISTEKGVALPHKWPNNELIGDKVIVPPASTIEEKKQREEAKAKGEIECYDWWFCYKKLE
;
_entity_poly.pdbx_strand_id   A,B
#
loop_
_chem_comp.id
_chem_comp.type
_chem_comp.name
_chem_comp.formula
GOL non-polymer GLYCEROL 'C3 H8 O3'
#
# COMPACT_ATOMS: atom_id res chain seq x y z
N MET A 1 -0.17 1.72 18.69
CA MET A 1 0.68 1.51 17.47
C MET A 1 0.92 0.00 17.26
N VAL A 2 0.21 -0.59 16.32
CA VAL A 2 0.50 -2.00 15.94
C VAL A 2 1.52 -2.04 14.81
N VAL A 3 2.19 -3.19 14.67
CA VAL A 3 3.18 -3.50 13.61
C VAL A 3 2.93 -4.90 12.95
N ILE A 4 3.45 -5.08 11.72
CA ILE A 4 3.37 -6.39 11.03
C ILE A 4 3.89 -7.54 11.90
N GLY A 5 3.21 -8.68 11.92
CA GLY A 5 3.67 -9.84 12.71
C GLY A 5 3.01 -9.86 14.07
N GLU A 6 2.62 -8.68 14.54
CA GLU A 6 1.97 -8.58 15.84
C GLU A 6 0.55 -9.13 15.76
N LYS A 7 0.05 -9.62 16.90
CA LYS A 7 -1.30 -10.25 16.93
C LYS A 7 -2.35 -9.14 17.06
N PHE A 8 -3.45 -9.19 16.31
CA PHE A 8 -4.52 -8.21 16.45
C PHE A 8 -5.10 -8.20 17.88
N PRO A 9 -5.33 -7.02 18.47
CA PRO A 9 -5.82 -7.02 19.87
C PRO A 9 -7.27 -7.58 20.04
N GLU A 10 -7.56 -8.18 21.20
CA GLU A 10 -8.91 -8.65 21.51
C GLU A 10 -9.72 -7.42 21.86
N VAL A 11 -10.79 -7.16 21.09
CA VAL A 11 -11.63 -5.96 21.24
C VAL A 11 -13.06 -6.27 20.79
N GLU A 12 -14.03 -5.78 21.54
CA GLU A 12 -15.46 -5.80 21.14
C GLU A 12 -15.79 -4.50 20.40
N VAL A 13 -16.43 -4.61 19.24
CA VAL A 13 -16.76 -3.43 18.45
C VAL A 13 -18.25 -3.48 18.13
N LYS A 14 -18.86 -2.30 18.11
CA LYS A 14 -20.21 -2.18 17.57
C LYS A 14 -20.20 -1.96 16.07
N THR A 15 -20.99 -2.79 15.36
CA THR A 15 -21.10 -2.64 13.92
C THR A 15 -22.52 -2.53 13.38
N THR A 16 -22.64 -2.18 12.10
CA THR A 16 -23.91 -2.17 11.39
C THR A 16 -24.54 -3.59 11.36
N HIS A 17 -23.72 -4.61 11.68
CA HIS A 17 -24.23 -5.97 11.77
C HIS A 17 -24.33 -6.44 13.24
N GLY A 18 -24.17 -5.54 14.20
CA GLY A 18 -24.19 -5.97 15.58
C GLY A 18 -22.82 -5.87 16.25
N VAL A 19 -22.81 -6.28 17.52
CA VAL A 19 -21.63 -6.33 18.32
C VAL A 19 -20.82 -7.59 18.02
N ILE A 20 -19.55 -7.38 17.73
CA ILE A 20 -18.69 -8.53 17.51
C ILE A 20 -17.35 -8.39 18.20
N LYS A 21 -16.75 -9.55 18.41
CA LYS A 21 -15.47 -9.67 19.03
C LYS A 21 -14.39 -9.83 17.91
N LEU A 22 -13.42 -8.91 17.83
CA LEU A 22 -12.31 -9.11 16.91
C LEU A 22 -11.12 -9.57 17.71
N PRO A 23 -10.26 -10.45 17.13
CA PRO A 23 -10.31 -11.02 15.79
C PRO A 23 -11.19 -12.26 15.75
N ASP A 24 -11.56 -12.73 16.93
CA ASP A 24 -12.22 -14.06 17.14
C ASP A 24 -13.34 -14.36 16.20
N TYR A 25 -14.28 -13.42 16.06
CA TYR A 25 -15.40 -13.62 15.14
C TYR A 25 -14.97 -14.13 13.77
N PHE A 26 -13.93 -13.53 13.20
CA PHE A 26 -13.39 -13.97 11.90
C PHE A 26 -12.47 -15.21 12.03
N THR A 27 -11.57 -15.22 13.00
CA THR A 27 -10.60 -16.31 13.13
C THR A 27 -11.27 -17.67 13.45
N LYS A 28 -12.32 -17.64 14.30
CA LYS A 28 -13.04 -18.90 14.61
C LYS A 28 -13.62 -19.61 13.37
N GLN A 29 -13.96 -18.89 12.29
CA GLN A 29 -14.49 -19.54 11.07
C GLN A 29 -13.37 -19.80 10.04
N GLY A 30 -12.13 -19.71 10.49
CA GLY A 30 -11.01 -19.87 9.60
C GLY A 30 -10.84 -18.69 8.64
N LYS A 31 -11.44 -17.53 8.92
CA LYS A 31 -11.38 -16.43 7.92
C LYS A 31 -10.31 -15.40 8.19
N TRP A 32 -9.78 -14.78 7.14
CA TRP A 32 -8.99 -13.54 7.25
C TRP A 32 -9.93 -12.33 7.28
N PHE A 33 -9.45 -11.11 7.61
CA PHE A 33 -10.20 -9.92 7.39
C PHE A 33 -9.29 -8.73 6.98
N ILE A 34 -9.89 -7.78 6.26
CA ILE A 34 -9.22 -6.52 5.90
C ILE A 34 -9.95 -5.41 6.60
N LEU A 35 -9.32 -4.89 7.67
CA LEU A 35 -9.91 -3.86 8.45
C LEU A 35 -9.42 -2.51 7.80
N PHE A 36 -10.33 -1.66 7.36
CA PHE A 36 -9.88 -0.36 6.79
C PHE A 36 -10.68 0.79 7.37
N SER A 37 -9.99 1.86 7.69
CA SER A 37 -10.62 2.99 8.31
C SER A 37 -10.93 3.97 7.22
N HIS A 38 -11.90 4.83 7.52
CA HIS A 38 -12.22 5.90 6.63
C HIS A 38 -12.66 7.07 7.55
N PRO A 39 -12.37 8.31 7.12
CA PRO A 39 -12.54 9.51 7.96
C PRO A 39 -13.94 9.82 8.49
N ALA A 40 -14.98 9.68 7.67
CA ALA A 40 -16.34 10.14 7.99
C ALA A 40 -17.40 9.67 7.00
N ASP A 41 -18.60 9.49 7.50
CA ASP A 41 -19.77 9.15 6.73
C ASP A 41 -20.13 10.39 5.93
N PHE A 42 -20.76 10.21 4.78
CA PHE A 42 -21.20 11.40 3.98
C PHE A 42 -20.06 12.26 3.41
N THR A 43 -18.98 11.58 3.04
CA THR A 43 -17.86 12.18 2.35
C THR A 43 -17.58 11.47 1.04
N PRO A 44 -17.09 12.25 0.09
CA PRO A 44 -17.06 11.77 -1.27
C PRO A 44 -15.93 10.79 -1.61
N VAL A 45 -14.70 10.91 -1.09
CA VAL A 45 -13.71 9.91 -1.46
C VAL A 45 -14.15 8.53 -0.85
N OCS A 46 -14.61 8.58 0.40
CA OCS A 46 -15.07 7.37 1.09
CB OCS A 46 -15.50 7.72 2.50
SG OCS A 46 -14.11 8.39 3.40
C OCS A 46 -16.17 6.67 0.36
O OCS A 46 -16.14 5.45 0.23
OD1 OCS A 46 -13.62 9.72 2.89
OD2 OCS A 46 -13.11 7.43 3.24
OD3 OCS A 46 -14.47 8.54 4.78
N THR A 47 -17.14 7.43 -0.13
CA THR A 47 -18.21 6.87 -0.94
C THR A 47 -17.75 6.09 -2.17
N THR A 48 -16.86 6.69 -2.96
CA THR A 48 -16.22 5.98 -4.09
C THR A 48 -15.47 4.73 -3.62
N GLU A 49 -14.79 4.80 -2.46
CA GLU A 49 -14.17 3.61 -1.90
C GLU A 49 -15.16 2.48 -1.57
N PHE A 50 -16.28 2.87 -0.99
CA PHE A 50 -17.33 1.92 -0.55
C PHE A 50 -17.92 1.23 -1.79
N TYR A 51 -18.24 2.04 -2.79
CA TYR A 51 -18.67 1.50 -4.08
C TYR A 51 -17.62 0.52 -4.64
N GLY A 52 -16.35 0.97 -4.67
CA GLY A 52 -15.26 0.09 -5.14
C GLY A 52 -15.24 -1.24 -4.38
N MET A 53 -15.40 -1.16 -3.06
CA MET A 53 -15.23 -2.31 -2.23
C MET A 53 -16.36 -3.29 -2.44
N GLN A 54 -17.58 -2.77 -2.54
CA GLN A 54 -18.76 -3.64 -2.70
C GLN A 54 -18.66 -4.36 -4.03
N LYS A 55 -18.14 -3.67 -5.04
CA LYS A 55 -17.90 -4.37 -6.31
C LYS A 55 -16.95 -5.59 -6.16
N ARG A 56 -16.11 -5.63 -5.13
CA ARG A 56 -15.07 -6.64 -5.15
C ARG A 56 -15.29 -7.61 -4.00
N VAL A 57 -16.31 -7.36 -3.17
CA VAL A 57 -16.41 -8.00 -1.88
C VAL A 57 -16.51 -9.53 -2.09
N GLU A 58 -17.20 -9.93 -3.14
CA GLU A 58 -17.45 -11.34 -3.38
C GLU A 58 -16.17 -12.05 -3.84
N GLU A 59 -15.31 -11.31 -4.56
CA GLU A 59 -13.94 -11.79 -4.87
C GLU A 59 -13.09 -11.98 -3.59
N PHE A 60 -13.10 -10.99 -2.67
CA PHE A 60 -12.48 -11.20 -1.35
C PHE A 60 -13.05 -12.44 -0.59
N ARG A 61 -14.37 -12.57 -0.62
CA ARG A 61 -15.02 -13.65 0.12
C ARG A 61 -14.73 -15.04 -0.42
N LYS A 62 -14.59 -15.16 -1.74
CA LYS A 62 -14.24 -16.44 -2.39
C LYS A 62 -12.88 -16.95 -1.86
N LEU A 63 -12.00 -16.02 -1.50
CA LEU A 63 -10.71 -16.36 -0.86
C LEU A 63 -10.77 -16.61 0.67
N GLY A 64 -11.94 -16.46 1.28
CA GLY A 64 -12.02 -16.55 2.73
C GLY A 64 -11.48 -15.31 3.41
N VAL A 65 -11.61 -14.13 2.76
CA VAL A 65 -11.20 -12.85 3.37
C VAL A 65 -12.43 -11.96 3.50
N GLU A 66 -12.77 -11.58 4.74
CA GLU A 66 -13.92 -10.67 5.01
C GLU A 66 -13.51 -9.19 5.14
N PRO A 67 -13.99 -8.29 4.24
CA PRO A 67 -13.71 -6.85 4.53
C PRO A 67 -14.58 -6.29 5.70
N ILE A 68 -14.03 -5.37 6.47
CA ILE A 68 -14.74 -4.71 7.56
C ILE A 68 -14.27 -3.26 7.67
N GLY A 69 -15.17 -2.29 7.46
CA GLY A 69 -14.84 -0.86 7.60
C GLY A 69 -14.85 -0.29 9.03
N LEU A 70 -14.38 0.96 9.21
CA LEU A 70 -14.37 1.61 10.48
C LEU A 70 -14.33 3.14 10.32
N SER A 71 -15.21 3.81 11.09
CA SER A 71 -15.27 5.27 11.10
C SER A 71 -15.65 5.79 12.48
N VAL A 72 -15.25 7.03 12.78
CA VAL A 72 -15.70 7.73 14.00
C VAL A 72 -17.00 8.46 13.63
N ASP A 73 -18.09 7.73 13.77
CA ASP A 73 -19.44 8.23 13.63
C ASP A 73 -20.26 7.08 14.18
N GLN A 74 -21.49 7.39 14.57
CA GLN A 74 -22.35 6.41 15.22
C GLN A 74 -23.10 5.57 14.21
N VAL A 75 -23.65 4.42 14.63
CA VAL A 75 -24.12 3.45 13.66
C VAL A 75 -25.35 4.01 12.84
N PHE A 76 -26.09 5.01 13.38
CA PHE A 76 -27.28 5.48 12.63
C PHE A 76 -26.87 6.27 11.39
N SER A 77 -25.85 7.17 11.50
CA SER A 77 -25.26 7.76 10.27
C SER A 77 -24.69 6.68 9.38
N HIS A 78 -24.03 5.67 9.97
CA HIS A 78 -23.49 4.57 9.08
C HIS A 78 -24.58 4.05 8.18
N ILE A 79 -25.75 3.77 8.75
CA ILE A 79 -26.77 3.02 8.03
C ILE A 79 -27.50 3.97 7.09
N LYS A 80 -27.66 5.23 7.50
CA LYS A 80 -28.24 6.19 6.58
C LYS A 80 -27.37 6.51 5.35
N TRP A 81 -26.08 6.61 5.56
CA TRP A 81 -25.10 6.74 4.46
C TRP A 81 -25.09 5.56 3.47
N ILE A 82 -25.13 4.33 4.02
CA ILE A 82 -25.29 3.14 3.20
C ILE A 82 -26.58 3.24 2.37
N GLU A 83 -27.70 3.63 3.01
CA GLU A 83 -28.95 3.79 2.28
C GLU A 83 -28.78 4.80 1.15
N TRP A 84 -28.03 5.90 1.41
CA TRP A 84 -27.85 6.92 0.40
C TRP A 84 -27.13 6.27 -0.81
N ILE A 85 -26.15 5.42 -0.51
CA ILE A 85 -25.45 4.65 -1.54
C ILE A 85 -26.39 3.80 -2.38
N LYS A 86 -27.28 3.07 -1.70
CA LYS A 86 -28.28 2.30 -2.43
C LYS A 86 -29.19 3.17 -3.31
N ASP A 87 -29.67 4.28 -2.75
CA ASP A 87 -30.66 5.07 -3.46
C ASP A 87 -30.04 5.84 -4.63
N ASN A 88 -28.76 6.24 -4.55
CA ASN A 88 -28.18 7.09 -5.58
C ASN A 88 -27.18 6.43 -6.55
N LEU A 89 -26.65 5.26 -6.21
CA LEU A 89 -25.62 4.57 -6.99
C LEU A 89 -26.10 3.13 -7.17
N SER A 90 -27.27 2.87 -6.63
CA SER A 90 -27.88 1.57 -6.59
C SER A 90 -26.88 0.43 -6.51
N VAL A 91 -26.18 0.39 -5.37
CA VAL A 91 -25.28 -0.64 -4.96
C VAL A 91 -25.65 -0.84 -3.44
N GLU A 92 -25.88 -2.08 -3.05
CA GLU A 92 -26.14 -2.46 -1.66
C GLU A 92 -24.89 -2.93 -0.89
N ILE A 93 -24.35 -2.06 -0.03
CA ILE A 93 -23.16 -2.39 0.81
C ILE A 93 -23.57 -3.55 1.73
N ASP A 94 -22.87 -4.68 1.76
CA ASP A 94 -23.24 -5.76 2.76
C ASP A 94 -22.04 -6.32 3.53
N PHE A 95 -21.03 -5.47 3.69
CA PHE A 95 -20.01 -5.76 4.66
C PHE A 95 -20.19 -4.94 5.96
N PRO A 96 -19.85 -5.54 7.13
CA PRO A 96 -20.02 -4.75 8.34
C PRO A 96 -19.17 -3.42 8.36
N VAL A 97 -19.66 -2.44 9.08
CA VAL A 97 -18.87 -1.23 9.34
C VAL A 97 -18.91 -0.90 10.81
N ILE A 98 -17.75 -0.84 11.44
CA ILE A 98 -17.63 -0.45 12.83
C ILE A 98 -17.94 1.05 13.11
N ALA A 99 -18.76 1.27 14.13
CA ALA A 99 -18.98 2.62 14.67
C ALA A 99 -18.01 2.78 15.82
N ASP A 100 -16.95 3.57 15.59
CA ASP A 100 -15.86 3.62 16.55
C ASP A 100 -16.01 4.82 17.49
N ASP A 101 -16.72 4.60 18.59
CA ASP A 101 -17.40 5.75 19.24
C ASP A 101 -16.60 7.03 19.46
N ARG A 102 -15.49 6.89 20.16
CA ARG A 102 -14.71 8.04 20.52
C ARG A 102 -13.33 7.92 19.92
N GLY A 103 -13.22 7.05 18.91
CA GLY A 103 -11.96 6.75 18.28
C GLY A 103 -11.10 5.85 19.14
N GLU A 104 -11.71 5.08 20.04
CA GLU A 104 -10.98 4.18 20.94
C GLU A 104 -10.14 3.17 20.18
N LEU A 105 -10.77 2.49 19.23
CA LEU A 105 -10.08 1.47 18.47
C LEU A 105 -9.12 2.12 17.48
N ALA A 106 -9.55 3.22 16.86
CA ALA A 106 -8.69 4.01 15.97
C ALA A 106 -7.40 4.44 16.67
N GLU A 107 -7.52 4.78 17.97
CA GLU A 107 -6.36 5.16 18.79
C GLU A 107 -5.40 4.02 19.05
N LYS A 108 -5.92 2.90 19.56
CA LYS A 108 -5.12 1.69 19.79
C LYS A 108 -4.31 1.22 18.55
N LEU A 109 -4.93 1.28 17.37
CA LEU A 109 -4.33 0.82 16.12
C LEU A 109 -3.46 1.85 15.38
N GLY A 110 -3.38 3.07 15.91
CA GLY A 110 -2.65 4.17 15.27
C GLY A 110 -3.20 4.65 13.94
N MET A 111 -4.51 4.57 13.74
CA MET A 111 -5.10 5.14 12.51
C MET A 111 -5.47 6.63 12.64
N ILE A 112 -5.59 7.09 13.89
CA ILE A 112 -5.46 8.51 14.16
C ILE A 112 -4.02 8.66 14.62
N PRO A 113 -3.19 9.33 13.78
CA PRO A 113 -1.77 9.59 14.08
C PRO A 113 -1.59 10.35 15.42
N THR A 119 -9.71 9.34 11.80
CA THR A 119 -8.84 8.45 11.08
C THR A 119 -8.42 8.93 9.67
N ALA A 120 -7.15 8.65 9.29
CA ALA A 120 -6.69 8.59 7.88
C ALA A 120 -7.12 7.28 7.21
N ARG A 121 -6.53 6.93 6.07
CA ARG A 121 -6.99 5.71 5.37
C ARG A 121 -6.04 4.61 5.62
N ALA A 122 -6.25 3.91 6.71
CA ALA A 122 -5.34 2.83 7.04
C ALA A 122 -5.99 1.48 6.63
N VAL A 123 -5.17 0.49 6.25
CA VAL A 123 -5.66 -0.87 5.99
C VAL A 123 -4.84 -1.91 6.77
N PHE A 124 -5.52 -2.85 7.42
CA PHE A 124 -4.85 -3.95 8.13
C PHE A 124 -5.34 -5.25 7.58
N VAL A 125 -4.41 -6.05 7.08
CA VAL A 125 -4.73 -7.36 6.59
C VAL A 125 -4.39 -8.33 7.72
N VAL A 126 -5.40 -9.04 8.23
CA VAL A 126 -5.25 -9.86 9.41
C VAL A 126 -5.58 -11.35 9.04
N ASP A 127 -4.67 -12.29 9.25
CA ASP A 127 -4.95 -13.68 8.81
C ASP A 127 -5.84 -14.44 9.79
N ASP A 128 -6.11 -15.69 9.44
CA ASP A 128 -6.94 -16.58 10.24
C ASP A 128 -6.39 -16.94 11.65
N LYS A 129 -5.10 -16.65 11.93
CA LYS A 129 -4.53 -16.75 13.30
C LYS A 129 -4.54 -15.38 14.06
N GLY A 130 -5.23 -14.38 13.56
CA GLY A 130 -5.25 -13.07 14.25
C GLY A 130 -3.96 -12.29 14.09
N ILE A 131 -3.14 -12.62 13.11
CA ILE A 131 -1.82 -11.97 12.93
C ILE A 131 -1.92 -10.93 11.81
N ILE A 132 -1.45 -9.70 12.06
CA ILE A 132 -1.42 -8.65 11.06
C ILE A 132 -0.35 -8.94 10.06
N ARG A 133 -0.78 -9.17 8.81
CA ARG A 133 0.13 -9.58 7.74
C ARG A 133 0.65 -8.41 6.87
N ALA A 134 -0.05 -7.28 6.88
CA ALA A 134 0.36 -6.12 6.06
C ALA A 134 -0.43 -4.91 6.52
N ILE A 135 0.15 -3.71 6.32
CA ILE A 135 -0.44 -2.49 6.80
C ILE A 135 -0.21 -1.41 5.73
N VAL A 136 -1.26 -0.67 5.37
CA VAL A 136 -1.12 0.52 4.48
C VAL A 136 -1.60 1.77 5.22
N TYR A 137 -0.87 2.88 5.18
CA TYR A 137 -1.43 4.13 5.70
C TYR A 137 -1.43 5.13 4.57
N TYR A 138 -2.60 5.45 4.01
CA TYR A 138 -2.68 6.54 2.99
C TYR A 138 -3.19 7.78 3.65
N PRO A 139 -2.92 8.96 3.08
CA PRO A 139 -3.58 10.12 3.72
C PRO A 139 -5.06 10.36 3.29
N ALA A 140 -5.76 11.22 4.06
CA ALA A 140 -7.16 11.55 3.79
C ALA A 140 -7.52 11.94 2.36
N GLU A 141 -6.70 12.78 1.72
CA GLU A 141 -6.98 13.30 0.38
C GLU A 141 -6.89 12.27 -0.74
N VAL A 142 -6.20 11.15 -0.54
CA VAL A 142 -5.99 10.23 -1.68
C VAL A 142 -6.71 8.86 -1.48
N GLY A 143 -7.75 8.60 -2.27
CA GLY A 143 -8.43 7.31 -2.19
C GLY A 143 -7.54 6.12 -2.52
N ARG A 144 -7.81 4.97 -1.91
CA ARG A 144 -7.04 3.76 -2.12
C ARG A 144 -7.40 3.11 -3.49
N ASP A 145 -6.73 2.01 -3.83
CA ASP A 145 -7.07 1.20 -5.01
C ASP A 145 -7.35 -0.20 -4.50
N TRP A 146 -8.60 -0.60 -4.36
CA TRP A 146 -8.81 -1.97 -3.83
C TRP A 146 -8.26 -3.10 -4.67
N ASP A 147 -7.96 -2.86 -5.96
CA ASP A 147 -7.32 -3.89 -6.77
C ASP A 147 -5.94 -4.31 -6.25
N GLU A 148 -5.18 -3.33 -5.83
CA GLU A 148 -3.95 -3.66 -5.09
C GLU A 148 -4.10 -4.49 -3.77
N ILE A 149 -5.15 -4.22 -2.99
CA ILE A 149 -5.35 -4.95 -1.76
C ILE A 149 -5.78 -6.41 -2.07
N LEU A 150 -6.62 -6.58 -3.07
CA LEU A 150 -7.02 -7.87 -3.64
C LEU A 150 -5.77 -8.64 -4.08
N ARG A 151 -4.97 -8.02 -4.93
CA ARG A 151 -3.70 -8.62 -5.36
C ARG A 151 -2.82 -9.04 -4.13
N LEU A 152 -2.63 -8.13 -3.18
CA LEU A 152 -1.87 -8.41 -1.98
C LEU A 152 -2.39 -9.67 -1.22
N VAL A 153 -3.69 -9.82 -1.06
CA VAL A 153 -4.16 -10.96 -0.27
C VAL A 153 -4.12 -12.23 -1.10
N LYS A 154 -4.36 -12.13 -2.41
CA LYS A 154 -4.13 -13.29 -3.27
C LYS A 154 -2.72 -13.83 -3.06
N ALA A 155 -1.74 -12.93 -3.13
CA ALA A 155 -0.33 -13.30 -2.93
C ALA A 155 -0.02 -13.86 -1.51
N LEU A 156 -0.62 -13.29 -0.48
CA LEU A 156 -0.39 -13.70 0.89
C LEU A 156 -0.94 -15.14 1.08
N LYS A 157 -2.15 -15.37 0.57
CA LYS A 157 -2.77 -16.69 0.73
C LYS A 157 -1.85 -17.73 0.10
N ILE A 158 -1.43 -17.49 -1.14
CA ILE A 158 -0.53 -18.40 -1.87
C ILE A 158 0.86 -18.65 -1.20
N SER A 159 1.51 -17.61 -0.69
CA SER A 159 2.82 -17.81 -0.06
C SER A 159 2.71 -18.66 1.21
N THR A 160 1.71 -18.39 2.03
CA THR A 160 1.32 -19.26 3.16
C THR A 160 1.09 -20.73 2.72
N GLU A 161 0.25 -20.94 1.74
CA GLU A 161 -0.17 -22.31 1.41
C GLU A 161 0.87 -23.11 0.64
N LYS A 162 1.62 -22.46 -0.25
CA LYS A 162 2.55 -23.21 -1.08
C LYS A 162 4.03 -23.04 -0.66
N GLY A 163 4.30 -22.31 0.41
CA GLY A 163 5.67 -21.96 0.82
C GLY A 163 6.51 -21.36 -0.32
N VAL A 164 5.98 -20.33 -0.99
CA VAL A 164 6.67 -19.71 -2.09
C VAL A 164 6.68 -18.17 -1.90
N ALA A 165 7.41 -17.49 -2.74
CA ALA A 165 7.40 -15.99 -2.73
C ALA A 165 6.84 -15.49 -4.06
N LEU A 166 6.28 -14.24 -4.06
CA LEU A 166 5.64 -13.70 -5.28
C LEU A 166 6.39 -12.48 -5.81
N PRO A 167 6.63 -12.43 -7.12
CA PRO A 167 7.44 -11.39 -7.75
C PRO A 167 6.73 -10.05 -7.80
N HIS A 168 7.47 -9.00 -8.15
CA HIS A 168 6.89 -7.66 -8.28
C HIS A 168 5.64 -7.72 -9.16
N LYS A 169 4.55 -7.12 -8.72
CA LYS A 169 3.38 -7.03 -9.58
C LYS A 169 2.75 -8.39 -9.95
N TRP A 170 3.09 -9.49 -9.25
CA TRP A 170 2.46 -10.83 -9.52
C TRP A 170 0.93 -10.69 -9.47
N PRO A 171 0.15 -11.32 -10.38
CA PRO A 171 0.48 -12.39 -11.36
C PRO A 171 0.79 -11.86 -12.75
N ASN A 172 1.21 -10.58 -12.84
CA ASN A 172 1.60 -10.01 -14.11
C ASN A 172 3.02 -9.45 -14.01
N ASN A 173 3.95 -10.23 -13.46
CA ASN A 173 5.35 -9.79 -13.45
C ASN A 173 6.03 -9.60 -14.83
N GLU A 174 6.74 -8.46 -15.05
CA GLU A 174 7.50 -8.13 -16.25
C GLU A 174 8.43 -9.26 -16.74
N LEU A 175 9.09 -9.93 -15.82
CA LEU A 175 10.05 -10.99 -16.17
C LEU A 175 9.45 -12.41 -16.18
N ILE A 176 8.56 -12.75 -15.27
CA ILE A 176 8.09 -14.16 -15.21
C ILE A 176 6.57 -14.34 -15.15
N GLY A 177 5.82 -13.24 -15.31
CA GLY A 177 4.32 -13.28 -15.44
C GLY A 177 3.64 -13.76 -14.18
N ASP A 178 3.01 -14.94 -14.24
CA ASP A 178 2.34 -15.45 -13.05
C ASP A 178 3.02 -16.62 -12.39
N LYS A 179 4.27 -16.89 -12.77
CA LYS A 179 5.08 -17.91 -12.02
C LYS A 179 5.41 -17.42 -10.62
N VAL A 180 5.69 -18.36 -9.70
CA VAL A 180 6.07 -18.06 -8.32
C VAL A 180 7.54 -18.35 -8.12
N ILE A 181 8.10 -17.74 -7.08
CA ILE A 181 9.55 -17.77 -6.81
C ILE A 181 9.85 -18.74 -5.65
N VAL A 182 10.92 -19.50 -5.83
CA VAL A 182 11.40 -20.47 -4.84
C VAL A 182 12.25 -19.64 -3.83
N PRO A 183 12.00 -19.78 -2.51
CA PRO A 183 12.83 -19.00 -1.54
C PRO A 183 14.32 -19.25 -1.81
N PRO A 184 15.14 -18.20 -1.78
CA PRO A 184 16.46 -18.42 -2.29
C PRO A 184 17.29 -19.34 -1.41
N ALA A 185 18.10 -20.20 -2.03
CA ALA A 185 19.10 -21.06 -1.36
C ALA A 185 19.92 -20.25 -0.37
N SER A 186 20.04 -20.78 0.85
CA SER A 186 20.79 -20.04 1.87
C SER A 186 22.01 -20.78 2.40
N THR A 187 22.42 -21.84 1.72
CA THR A 187 23.53 -22.63 2.20
C THR A 187 24.12 -23.19 0.94
N ILE A 188 25.36 -23.65 1.01
CA ILE A 188 26.02 -24.38 -0.11
C ILE A 188 25.18 -25.62 -0.53
N GLU A 189 24.73 -26.40 0.45
CA GLU A 189 23.96 -27.62 0.14
C GLU A 189 22.66 -27.24 -0.62
N GLU A 190 21.95 -26.17 -0.19
CA GLU A 190 20.69 -25.76 -0.83
C GLU A 190 20.98 -25.31 -2.26
N LYS A 191 22.08 -24.58 -2.44
CA LYS A 191 22.53 -24.19 -3.79
C LYS A 191 22.75 -25.41 -4.70
N LYS A 192 23.41 -26.46 -4.19
CA LYS A 192 23.55 -27.70 -4.98
C LYS A 192 22.15 -28.19 -5.36
N GLN A 193 21.22 -28.19 -4.42
CA GLN A 193 19.85 -28.68 -4.69
C GLN A 193 19.10 -27.91 -5.79
N ARG A 194 19.27 -26.58 -5.81
CA ARG A 194 18.71 -25.77 -6.89
C ARG A 194 19.26 -26.18 -8.23
N GLU A 195 20.57 -26.39 -8.32
CA GLU A 195 21.23 -26.72 -9.60
C GLU A 195 20.76 -28.11 -10.10
N GLU A 196 20.64 -29.07 -9.18
CA GLU A 196 20.07 -30.40 -9.53
C GLU A 196 18.59 -30.32 -10.02
N ALA A 197 17.74 -29.63 -9.28
CA ALA A 197 16.35 -29.42 -9.71
C ALA A 197 16.27 -28.76 -11.08
N LYS A 198 17.11 -27.78 -11.35
CA LYS A 198 17.04 -27.09 -12.62
C LYS A 198 17.45 -28.04 -13.76
N ALA A 199 18.54 -28.78 -13.55
CA ALA A 199 18.97 -29.80 -14.52
C ALA A 199 17.86 -30.81 -14.81
N LYS A 200 17.01 -31.12 -13.83
CA LYS A 200 15.90 -32.04 -14.07
C LYS A 200 14.63 -31.36 -14.59
N GLY A 201 14.72 -30.11 -15.06
CA GLY A 201 13.51 -29.39 -15.49
C GLY A 201 12.46 -29.12 -14.41
N GLU A 202 12.77 -29.33 -13.13
CA GLU A 202 11.75 -29.04 -12.08
C GLU A 202 11.58 -27.53 -11.80
N ILE A 203 12.58 -26.70 -12.14
CA ILE A 203 12.48 -25.25 -11.86
C ILE A 203 13.18 -24.53 -12.97
N GLU A 204 12.86 -23.29 -13.18
CA GLU A 204 13.66 -22.43 -14.08
C GLU A 204 14.52 -21.51 -13.21
N CYS A 205 15.73 -21.14 -13.61
CA CYS A 205 16.53 -20.22 -12.80
C CYS A 205 17.21 -19.14 -13.66
N TYR A 206 17.29 -17.88 -13.20
CA TYR A 206 18.28 -16.96 -13.79
C TYR A 206 19.65 -17.18 -13.14
N ASP A 207 19.66 -17.70 -11.92
CA ASP A 207 20.90 -18.01 -11.16
C ASP A 207 20.46 -19.02 -10.09
N TRP A 208 21.41 -19.59 -9.33
CA TRP A 208 21.09 -20.47 -8.20
C TRP A 208 20.17 -19.87 -7.09
N TRP A 209 20.26 -18.54 -6.91
CA TRP A 209 19.46 -17.80 -5.90
C TRP A 209 18.12 -17.22 -6.45
N PHE A 210 17.87 -17.37 -7.76
CA PHE A 210 16.68 -16.80 -8.42
C PHE A 210 15.99 -17.88 -9.25
N CYS A 211 15.30 -18.80 -8.57
CA CYS A 211 14.56 -19.87 -9.24
C CYS A 211 13.02 -19.69 -9.08
N TYR A 212 12.28 -20.10 -10.09
CA TYR A 212 10.83 -19.88 -10.07
C TYR A 212 10.16 -21.03 -10.80
N LYS A 213 8.83 -21.06 -10.78
CA LYS A 213 8.10 -22.20 -11.34
C LYS A 213 6.62 -21.91 -11.49
N LYS A 214 5.95 -22.73 -12.31
CA LYS A 214 4.53 -22.60 -12.53
C LYS A 214 3.78 -22.89 -11.25
N LEU A 215 2.76 -22.08 -11.02
CA LEU A 215 1.86 -22.24 -9.90
C LEU A 215 0.89 -23.32 -10.32
N GLU A 216 1.00 -24.47 -9.69
CA GLU A 216 0.22 -25.59 -10.11
C GLU A 216 0.39 -26.66 -9.09
N MET B 1 10.13 4.36 15.41
CA MET B 1 9.05 4.12 14.40
C MET B 1 8.44 5.45 14.03
N VAL B 2 8.50 5.79 12.74
CA VAL B 2 7.87 7.01 12.27
C VAL B 2 6.41 6.79 11.85
N VAL B 3 5.73 7.90 11.62
CA VAL B 3 4.29 7.97 11.51
C VAL B 3 3.91 8.98 10.41
N ILE B 4 2.75 8.77 9.80
CA ILE B 4 2.31 9.64 8.71
C ILE B 4 2.07 11.09 9.23
N GLY B 5 2.40 12.10 8.44
CA GLY B 5 2.40 13.45 8.94
C GLY B 5 3.68 13.89 9.65
N GLU B 6 4.55 12.96 9.98
CA GLU B 6 5.78 13.29 10.73
C GLU B 6 6.90 13.76 9.83
N LYS B 7 7.83 14.56 10.38
CA LYS B 7 9.08 14.93 9.68
C LYS B 7 10.08 13.75 9.56
N PHE B 8 10.63 13.57 8.37
CA PHE B 8 11.68 12.59 8.17
C PHE B 8 12.92 12.95 9.02
N PRO B 9 13.45 11.97 9.77
CA PRO B 9 14.58 12.34 10.64
C PRO B 9 15.82 12.79 9.89
N GLU B 10 16.58 13.68 10.50
CA GLU B 10 17.88 14.10 9.96
C GLU B 10 18.89 12.95 10.01
N VAL B 11 19.38 12.46 8.88
CA VAL B 11 20.33 11.33 8.94
C VAL B 11 21.30 11.38 7.78
N GLU B 12 22.57 11.06 8.05
CA GLU B 12 23.57 10.79 7.02
C GLU B 12 23.58 9.30 6.66
N VAL B 13 23.53 9.02 5.36
CA VAL B 13 23.54 7.65 4.88
C VAL B 13 24.59 7.48 3.79
N LYS B 14 25.08 6.27 3.76
CA LYS B 14 26.03 5.83 2.79
C LYS B 14 25.31 5.07 1.65
N THR B 15 25.55 5.48 0.41
CA THR B 15 24.82 4.92 -0.75
C THR B 15 25.77 4.53 -1.89
N THR B 16 25.23 3.81 -2.88
CA THR B 16 25.97 3.46 -4.04
C THR B 16 26.34 4.74 -4.84
N HIS B 17 25.78 5.90 -4.48
CA HIS B 17 26.14 7.19 -5.09
C HIS B 17 26.94 8.10 -4.13
N GLY B 18 27.36 7.59 -2.98
CA GLY B 18 28.10 8.40 -2.01
C GLY B 18 27.30 8.67 -0.75
N VAL B 19 27.92 9.38 0.18
CA VAL B 19 27.30 9.76 1.44
C VAL B 19 26.32 10.89 1.14
N ILE B 20 25.08 10.73 1.60
CA ILE B 20 24.11 11.82 1.57
C ILE B 20 23.41 12.04 2.90
N LYS B 21 22.95 13.29 3.02
CA LYS B 21 22.12 13.75 4.12
C LYS B 21 20.66 13.74 3.67
N LEU B 22 19.83 12.93 4.34
CA LEU B 22 18.37 12.92 4.15
C LEU B 22 17.74 13.69 5.30
N PRO B 23 16.60 14.34 5.07
CA PRO B 23 15.90 14.50 3.81
C PRO B 23 16.56 15.57 2.92
N ASP B 24 17.52 16.32 3.48
CA ASP B 24 18.05 17.57 2.90
C ASP B 24 18.46 17.53 1.44
N TYR B 25 19.18 16.46 1.08
CA TYR B 25 19.70 16.30 -0.28
C TYR B 25 18.60 16.36 -1.34
N PHE B 26 17.45 15.71 -1.05
CA PHE B 26 16.25 15.88 -1.90
C PHE B 26 15.48 17.16 -1.70
N THR B 27 15.18 17.50 -0.44
CA THR B 27 14.32 18.64 -0.16
C THR B 27 14.93 19.99 -0.64
N LYS B 28 16.26 20.12 -0.53
CA LYS B 28 16.98 21.32 -1.06
C LYS B 28 16.82 21.48 -2.57
N GLN B 29 16.57 20.40 -3.31
CA GLN B 29 16.29 20.59 -4.74
C GLN B 29 14.83 20.63 -5.01
N GLY B 30 14.02 20.78 -3.96
CA GLY B 30 12.58 20.90 -4.17
C GLY B 30 12.02 19.56 -4.62
N LYS B 31 12.73 18.46 -4.35
CA LYS B 31 12.26 17.14 -4.83
C LYS B 31 11.62 16.30 -3.68
N TRP B 32 10.68 15.45 -4.04
CA TRP B 32 10.17 14.40 -3.14
C TRP B 32 11.08 13.17 -3.16
N PHE B 33 10.87 12.19 -2.28
CA PHE B 33 11.55 10.94 -2.48
C PHE B 33 10.72 9.76 -2.00
N ILE B 34 11.00 8.61 -2.57
CA ILE B 34 10.33 7.40 -2.12
C ILE B 34 11.40 6.46 -1.57
N LEU B 35 11.47 6.37 -0.26
CA LEU B 35 12.45 5.55 0.32
C LEU B 35 11.81 4.11 0.47
N PHE B 36 12.38 3.09 -0.17
CA PHE B 36 11.83 1.71 0.05
C PHE B 36 12.92 0.77 0.56
N SER B 37 12.55 -0.15 1.44
CA SER B 37 13.54 -1.04 1.96
C SER B 37 13.37 -2.40 1.29
N HIS B 38 14.45 -3.19 1.33
CA HIS B 38 14.35 -4.58 0.90
C HIS B 38 15.29 -5.47 1.68
N PRO B 39 14.87 -6.73 1.90
CA PRO B 39 15.60 -7.61 2.80
C PRO B 39 17.08 -7.81 2.52
N ALA B 40 17.51 -8.03 1.27
CA ALA B 40 18.94 -8.46 1.03
C ALA B 40 19.38 -8.36 -0.41
N ASP B 41 20.67 -8.19 -0.64
CA ASP B 41 21.19 -8.31 -2.02
C ASP B 41 21.08 -9.77 -2.56
N PHE B 42 21.04 -9.96 -3.88
CA PHE B 42 21.04 -11.25 -4.51
C PHE B 42 19.88 -12.15 -4.00
N THR B 43 18.67 -11.55 -3.91
CA THR B 43 17.43 -12.25 -3.62
C THR B 43 16.42 -12.00 -4.75
N PRO B 44 15.59 -13.03 -5.04
CA PRO B 44 14.79 -13.10 -6.27
C PRO B 44 13.60 -12.11 -6.27
N VAL B 45 12.78 -12.05 -5.20
CA VAL B 45 11.66 -11.07 -5.19
C VAL B 45 12.27 -9.61 -5.36
N OCS B 46 13.34 -9.29 -4.60
CA OCS B 46 13.98 -7.91 -4.65
CB OCS B 46 15.13 -7.79 -3.63
SG OCS B 46 14.48 -8.06 -1.98
C OCS B 46 14.49 -7.52 -5.99
O OCS B 46 14.46 -6.32 -6.37
OD1 OCS B 46 13.48 -7.08 -1.85
OD2 OCS B 46 13.94 -9.47 -1.81
OD3 OCS B 46 15.54 -7.88 -1.03
N THR B 47 15.04 -8.51 -6.69
CA THR B 47 15.54 -8.32 -8.04
C THR B 47 14.38 -8.04 -9.01
N THR B 48 13.30 -8.83 -8.96
CA THR B 48 12.11 -8.39 -9.76
C THR B 48 11.67 -6.94 -9.47
N GLU B 49 11.69 -6.55 -8.17
CA GLU B 49 11.36 -5.21 -7.78
C GLU B 49 12.31 -4.14 -8.34
N PHE B 50 13.62 -4.39 -8.36
CA PHE B 50 14.60 -3.35 -8.86
C PHE B 50 14.38 -3.11 -10.36
N TYR B 51 14.13 -4.24 -11.03
CA TYR B 51 13.75 -4.26 -12.46
C TYR B 51 12.50 -3.41 -12.65
N GLY B 52 11.42 -3.78 -11.94
CA GLY B 52 10.16 -2.97 -12.00
C GLY B 52 10.51 -1.49 -11.76
N MET B 53 11.34 -1.21 -10.73
CA MET B 53 11.55 0.21 -10.37
C MET B 53 12.29 0.97 -11.44
N GLN B 54 13.33 0.33 -11.99
CA GLN B 54 14.11 0.96 -13.04
C GLN B 54 13.27 1.22 -14.26
N LYS B 55 12.34 0.31 -14.55
CA LYS B 55 11.43 0.61 -15.70
C LYS B 55 10.56 1.85 -15.49
N ARG B 56 10.39 2.32 -14.25
CA ARG B 56 9.49 3.41 -14.00
C ARG B 56 10.24 4.66 -13.53
N VAL B 57 11.54 4.55 -13.32
CA VAL B 57 12.26 5.62 -12.64
C VAL B 57 12.03 6.98 -13.35
N GLU B 58 12.01 6.99 -14.68
CA GLU B 58 11.92 8.28 -15.38
C GLU B 58 10.54 8.92 -15.25
N GLU B 59 9.50 8.10 -15.16
CA GLU B 59 8.17 8.64 -14.84
C GLU B 59 8.16 9.27 -13.44
N PHE B 60 8.81 8.63 -12.45
CA PHE B 60 8.88 9.19 -11.10
C PHE B 60 9.64 10.55 -11.15
N ARG B 61 10.73 10.55 -11.90
CA ARG B 61 11.66 11.69 -11.95
C ARG B 61 11.00 12.88 -12.64
N LYS B 62 10.26 12.64 -13.70
CA LYS B 62 9.45 13.68 -14.37
C LYS B 62 8.44 14.40 -13.50
N LEU B 63 7.91 13.71 -12.48
CA LEU B 63 7.14 14.34 -11.42
C LEU B 63 7.94 15.08 -10.35
N GLY B 64 9.27 15.07 -10.38
CA GLY B 64 10.06 15.56 -9.23
C GLY B 64 10.16 14.58 -8.03
N VAL B 65 10.02 13.27 -8.28
CA VAL B 65 10.09 12.26 -7.21
C VAL B 65 11.31 11.35 -7.44
N GLU B 66 12.23 11.33 -6.49
CA GLU B 66 13.42 10.51 -6.64
C GLU B 66 13.31 9.23 -5.82
N PRO B 67 13.35 8.06 -6.44
CA PRO B 67 13.40 6.81 -5.64
C PRO B 67 14.79 6.55 -5.05
N ILE B 68 14.84 6.00 -3.83
CA ILE B 68 16.08 5.60 -3.14
C ILE B 68 15.83 4.28 -2.37
N GLY B 69 16.64 3.25 -2.61
CA GLY B 69 16.48 1.99 -1.88
C GLY B 69 17.31 1.97 -0.60
N LEU B 70 17.12 0.94 0.21
CA LEU B 70 17.83 0.73 1.42
C LEU B 70 17.84 -0.77 1.68
N SER B 71 19.03 -1.32 2.00
CA SER B 71 19.12 -2.69 2.54
C SER B 71 20.33 -2.88 3.47
N VAL B 72 20.29 -3.94 4.28
CA VAL B 72 21.34 -4.21 5.26
C VAL B 72 22.38 -5.16 4.59
N ASP B 73 23.25 -4.53 3.83
CA ASP B 73 24.30 -5.17 3.10
C ASP B 73 25.21 -3.97 2.79
N GLN B 74 26.51 -4.25 2.73
CA GLN B 74 27.50 -3.28 2.36
C GLN B 74 27.48 -2.89 0.87
N VAL B 75 28.03 -1.71 0.53
CA VAL B 75 27.87 -1.09 -0.75
C VAL B 75 28.56 -1.92 -1.84
N PHE B 76 29.62 -2.65 -1.46
CA PHE B 76 30.26 -3.52 -2.46
C PHE B 76 29.33 -4.57 -3.00
N SER B 77 28.59 -5.28 -2.11
CA SER B 77 27.57 -6.27 -2.58
C SER B 77 26.48 -5.56 -3.38
N HIS B 78 26.10 -4.35 -2.94
CA HIS B 78 25.09 -3.54 -3.68
C HIS B 78 25.51 -3.35 -5.10
N ILE B 79 26.78 -3.04 -5.31
CA ILE B 79 27.24 -2.68 -6.63
C ILE B 79 27.39 -3.93 -7.53
N LYS B 80 27.84 -5.03 -6.93
CA LYS B 80 27.95 -6.26 -7.67
C LYS B 80 26.58 -6.78 -8.05
N TRP B 81 25.60 -6.58 -7.19
CA TRP B 81 24.24 -7.06 -7.49
C TRP B 81 23.59 -6.19 -8.62
N ILE B 82 23.80 -4.87 -8.59
CA ILE B 82 23.43 -4.02 -9.71
C ILE B 82 24.09 -4.45 -11.00
N GLU B 83 25.37 -4.86 -10.96
CA GLU B 83 26.02 -5.38 -12.17
C GLU B 83 25.43 -6.71 -12.66
N TRP B 84 25.01 -7.59 -11.72
CA TRP B 84 24.44 -8.84 -12.15
C TRP B 84 23.12 -8.48 -12.89
N ILE B 85 22.39 -7.47 -12.41
CA ILE B 85 21.13 -7.09 -13.07
C ILE B 85 21.40 -6.56 -14.50
N LYS B 86 22.45 -5.76 -14.65
CA LYS B 86 22.81 -5.27 -15.99
C LYS B 86 23.21 -6.42 -16.90
N ASP B 87 24.02 -7.34 -16.42
CA ASP B 87 24.54 -8.37 -17.31
C ASP B 87 23.51 -9.46 -17.53
N ASN B 88 22.51 -9.56 -16.67
CA ASN B 88 21.58 -10.68 -16.88
C ASN B 88 20.16 -10.25 -17.31
N LEU B 89 19.76 -9.04 -16.96
CA LEU B 89 18.39 -8.60 -17.29
C LEU B 89 18.43 -7.36 -18.19
N SER B 90 19.64 -6.93 -18.55
CA SER B 90 19.79 -5.86 -19.54
C SER B 90 19.17 -4.54 -19.08
N VAL B 91 19.31 -4.21 -17.80
CA VAL B 91 18.78 -2.99 -17.27
C VAL B 91 19.86 -2.39 -16.35
N GLU B 92 20.06 -1.09 -16.50
CA GLU B 92 21.02 -0.34 -15.77
C GLU B 92 20.34 0.44 -14.61
N ILE B 93 20.34 -0.12 -13.40
CA ILE B 93 19.87 0.60 -12.20
C ILE B 93 20.59 1.95 -12.02
N ASP B 94 19.86 3.05 -11.87
CA ASP B 94 20.58 4.34 -11.65
C ASP B 94 19.95 5.23 -10.58
N PHE B 95 19.23 4.60 -9.65
CA PHE B 95 18.82 5.29 -8.43
C PHE B 95 19.77 4.82 -7.31
N PRO B 96 20.02 5.67 -6.30
CA PRO B 96 20.87 5.27 -5.18
C PRO B 96 20.26 4.17 -4.28
N VAL B 97 21.12 3.35 -3.71
CA VAL B 97 20.69 2.38 -2.70
C VAL B 97 21.60 2.60 -1.49
N ILE B 98 20.97 2.70 -0.32
CA ILE B 98 21.66 2.85 0.96
C ILE B 98 22.16 1.49 1.50
N ALA B 99 23.38 1.53 2.07
CA ALA B 99 24.02 0.40 2.62
C ALA B 99 23.89 0.73 4.09
N ASP B 100 22.89 0.13 4.73
CA ASP B 100 22.53 0.49 6.10
C ASP B 100 23.21 -0.57 6.94
N ASP B 101 24.45 -0.21 7.27
CA ASP B 101 25.48 -1.20 7.62
C ASP B 101 25.00 -2.21 8.71
N ARG B 102 24.38 -1.70 9.78
CA ARG B 102 23.99 -2.58 10.88
C ARG B 102 22.50 -2.53 11.14
N GLY B 103 21.73 -2.14 10.13
CA GLY B 103 20.28 -1.95 10.31
C GLY B 103 19.89 -0.75 11.16
N GLU B 104 20.82 0.17 11.38
CA GLU B 104 20.61 1.36 12.20
C GLU B 104 19.41 2.23 11.77
N LEU B 105 19.46 2.74 10.54
CA LEU B 105 18.39 3.54 10.02
C LEU B 105 17.10 2.72 9.89
N ALA B 106 17.19 1.45 9.50
CA ALA B 106 16.02 0.56 9.43
C ALA B 106 15.32 0.41 10.79
N GLU B 107 16.10 0.17 11.85
CA GLU B 107 15.63 0.14 13.24
C GLU B 107 14.86 1.39 13.56
N LYS B 108 15.53 2.54 13.43
CA LYS B 108 14.93 3.80 13.70
C LYS B 108 13.60 4.08 12.92
N LEU B 109 13.55 3.75 11.63
CA LEU B 109 12.35 3.93 10.83
C LEU B 109 11.31 2.79 10.97
N GLY B 110 11.57 1.79 11.82
CA GLY B 110 10.61 0.68 12.04
C GLY B 110 10.46 -0.22 10.84
N MET B 111 11.48 -0.21 9.98
CA MET B 111 11.56 -1.08 8.82
C MET B 111 11.86 -2.51 9.21
N ILE B 112 12.58 -2.67 10.33
CA ILE B 112 12.53 -3.90 11.13
C ILE B 112 11.60 -3.58 12.29
N PRO B 113 10.50 -4.37 12.41
CA PRO B 113 9.57 -4.34 13.57
C PRO B 113 10.33 -4.27 14.91
N THR B 119 14.47 -7.14 8.12
CA THR B 119 13.87 -5.97 7.48
C THR B 119 12.85 -6.36 6.41
N ALA B 120 11.57 -5.99 6.63
CA ALA B 120 10.43 -6.17 5.68
C ALA B 120 10.46 -5.24 4.44
N ARG B 121 9.30 -5.07 3.82
CA ARG B 121 9.14 -4.40 2.55
C ARG B 121 8.41 -3.08 2.81
N ALA B 122 9.16 -2.09 3.25
CA ALA B 122 8.54 -0.86 3.71
C ALA B 122 8.70 0.24 2.62
N VAL B 123 7.66 1.07 2.45
CA VAL B 123 7.75 2.17 1.53
C VAL B 123 7.41 3.47 2.26
N PHE B 124 8.26 4.48 2.12
CA PHE B 124 7.99 5.84 2.68
C PHE B 124 7.99 6.94 1.60
N VAL B 125 6.85 7.63 1.41
CA VAL B 125 6.79 8.76 0.45
C VAL B 125 6.98 10.06 1.21
N VAL B 126 8.03 10.78 0.87
CA VAL B 126 8.41 11.93 1.66
C VAL B 126 8.43 13.16 0.74
N ASP B 127 7.77 14.25 1.11
CA ASP B 127 7.61 15.38 0.15
C ASP B 127 8.78 16.31 0.22
N ASP B 128 8.72 17.42 -0.52
CA ASP B 128 9.84 18.38 -0.63
C ASP B 128 10.02 19.22 0.60
N LYS B 129 9.07 19.15 1.55
CA LYS B 129 9.34 19.72 2.87
C LYS B 129 9.81 18.68 3.92
N GLY B 130 10.12 17.46 3.53
CA GLY B 130 10.58 16.45 4.48
C GLY B 130 9.50 15.78 5.28
N ILE B 131 8.24 15.85 4.82
CA ILE B 131 7.08 15.29 5.55
C ILE B 131 6.65 13.91 4.99
N ILE B 132 6.55 12.90 5.86
CA ILE B 132 6.11 11.57 5.39
C ILE B 132 4.65 11.64 5.04
N ARG B 133 4.35 11.36 3.78
CA ARG B 133 2.98 11.49 3.33
C ARG B 133 2.20 10.16 3.23
N ALA B 134 2.89 9.02 3.16
CA ALA B 134 2.15 7.74 3.03
C ALA B 134 3.13 6.67 3.38
N ILE B 135 2.66 5.49 3.90
CA ILE B 135 3.58 4.51 4.35
C ILE B 135 2.95 3.14 4.10
N VAL B 136 3.73 2.21 3.51
CA VAL B 136 3.30 0.85 3.19
C VAL B 136 4.26 -0.11 3.89
N TYR B 137 3.72 -1.14 4.56
CA TYR B 137 4.49 -2.27 5.07
C TYR B 137 3.96 -3.59 4.53
N TYR B 138 4.72 -4.17 3.59
CA TYR B 138 4.41 -5.44 2.96
C TYR B 138 5.37 -6.42 3.63
N PRO B 139 4.97 -7.68 3.76
CA PRO B 139 5.92 -8.69 4.29
C PRO B 139 6.96 -9.15 3.22
N ALA B 140 8.08 -9.72 3.68
CA ALA B 140 9.19 -10.22 2.80
C ALA B 140 8.78 -11.13 1.59
N GLU B 141 7.74 -11.96 1.79
CA GLU B 141 7.27 -12.94 0.79
C GLU B 141 6.42 -12.37 -0.38
N VAL B 142 5.96 -11.13 -0.27
CA VAL B 142 5.04 -10.62 -1.31
C VAL B 142 5.63 -9.32 -1.88
N GLY B 143 6.08 -9.36 -3.13
CA GLY B 143 6.62 -8.18 -3.80
C GLY B 143 5.57 -7.11 -3.95
N ARG B 144 6.03 -5.87 -3.95
CA ARG B 144 5.20 -4.72 -4.16
C ARG B 144 4.74 -4.60 -5.60
N ASP B 145 3.91 -3.60 -5.91
CA ASP B 145 3.54 -3.23 -7.28
C ASP B 145 3.84 -1.69 -7.43
N TRP B 146 4.88 -1.34 -8.14
CA TRP B 146 5.26 0.10 -8.20
C TRP B 146 4.31 0.99 -9.01
N ASP B 147 3.47 0.41 -9.87
CA ASP B 147 2.35 1.15 -10.50
C ASP B 147 1.41 1.78 -9.47
N GLU B 148 1.07 1.05 -8.42
CA GLU B 148 0.27 1.67 -7.39
C GLU B 148 0.95 2.82 -6.63
N ILE B 149 2.25 2.68 -6.34
CA ILE B 149 3.04 3.73 -5.72
C ILE B 149 3.15 4.96 -6.64
N LEU B 150 3.27 4.73 -7.93
CA LEU B 150 3.29 5.82 -8.91
C LEU B 150 1.96 6.57 -8.92
N ARG B 151 0.86 5.80 -8.95
CA ARG B 151 -0.53 6.35 -8.89
C ARG B 151 -0.65 7.24 -7.63
N LEU B 152 -0.17 6.73 -6.51
CA LEU B 152 -0.26 7.44 -5.23
C LEU B 152 0.51 8.78 -5.32
N VAL B 153 1.71 8.78 -5.85
CA VAL B 153 2.44 10.02 -5.81
C VAL B 153 1.85 11.03 -6.74
N LYS B 154 1.32 10.54 -7.87
CA LYS B 154 0.57 11.38 -8.80
C LYS B 154 -0.54 12.11 -8.06
N ALA B 155 -1.35 11.33 -7.35
CA ALA B 155 -2.46 11.86 -6.57
C ALA B 155 -2.00 12.81 -5.47
N LEU B 156 -1.01 12.38 -4.68
CA LEU B 156 -0.42 13.24 -3.67
C LEU B 156 -0.05 14.63 -4.23
N LYS B 157 0.63 14.63 -5.37
CA LYS B 157 1.10 15.84 -6.00
C LYS B 157 -0.11 16.70 -6.39
N ILE B 158 -1.14 16.10 -6.98
CA ILE B 158 -2.28 16.90 -7.45
C ILE B 158 -3.09 17.54 -6.27
N SER B 159 -3.29 16.73 -5.24
CA SER B 159 -4.08 17.18 -4.15
C SER B 159 -3.37 18.35 -3.43
N THR B 160 -2.04 18.28 -3.28
CA THR B 160 -1.25 19.43 -2.84
C THR B 160 -1.41 20.65 -3.79
N GLU B 161 -1.13 20.48 -5.06
CA GLU B 161 -1.14 21.63 -5.98
C GLU B 161 -2.51 22.29 -6.16
N LYS B 162 -3.55 21.47 -6.24
CA LYS B 162 -4.85 21.93 -6.72
C LYS B 162 -5.93 22.07 -5.63
N GLY B 163 -5.61 21.63 -4.41
CA GLY B 163 -6.52 21.67 -3.27
C GLY B 163 -7.72 20.73 -3.43
N VAL B 164 -7.49 19.49 -3.90
CA VAL B 164 -8.58 18.63 -4.27
C VAL B 164 -8.37 17.24 -3.63
N ALA B 165 -9.32 16.35 -3.77
CA ALA B 165 -9.13 14.98 -3.24
C ALA B 165 -9.27 14.11 -4.46
N LEU B 166 -8.82 12.84 -4.38
CA LEU B 166 -8.81 11.94 -5.51
C LEU B 166 -9.62 10.69 -5.17
N PRO B 167 -10.45 10.25 -6.11
CA PRO B 167 -11.39 9.21 -5.88
C PRO B 167 -10.68 7.84 -5.89
N HIS B 168 -11.35 6.83 -5.34
CA HIS B 168 -10.87 5.45 -5.42
C HIS B 168 -10.32 5.18 -6.80
N LYS B 169 -9.05 4.73 -6.88
CA LYS B 169 -8.50 4.28 -8.14
C LYS B 169 -8.33 5.41 -9.21
N TRP B 170 -8.37 6.68 -8.80
CA TRP B 170 -8.02 7.76 -9.72
C TRP B 170 -6.68 7.46 -10.36
N PRO B 171 -6.49 7.70 -11.69
CA PRO B 171 -7.36 8.43 -12.64
C PRO B 171 -8.29 7.56 -13.41
N ASN B 172 -8.59 6.36 -12.90
CA ASN B 172 -9.61 5.52 -13.52
C ASN B 172 -10.70 5.12 -12.54
N ASN B 173 -11.32 6.10 -11.89
CA ASN B 173 -12.38 5.80 -10.94
C ASN B 173 -13.57 5.21 -11.71
N GLU B 174 -14.23 4.20 -11.09
CA GLU B 174 -15.47 3.58 -11.63
C GLU B 174 -16.60 4.58 -12.03
N LEU B 175 -16.87 5.56 -11.16
CA LEU B 175 -17.96 6.48 -11.34
C LEU B 175 -17.56 7.75 -12.07
N ILE B 176 -16.34 8.26 -11.85
CA ILE B 176 -15.98 9.58 -12.44
C ILE B 176 -14.64 9.62 -13.21
N GLY B 177 -14.05 8.44 -13.44
CA GLY B 177 -12.79 8.32 -14.21
C GLY B 177 -11.61 9.14 -13.64
N ASP B 178 -11.21 10.22 -14.34
CA ASP B 178 -10.04 11.03 -13.93
C ASP B 178 -10.42 12.42 -13.38
N LYS B 179 -11.69 12.61 -13.11
CA LYS B 179 -12.16 13.82 -12.45
C LYS B 179 -11.76 13.75 -11.00
N VAL B 180 -11.57 14.95 -10.41
CA VAL B 180 -11.16 15.15 -9.04
C VAL B 180 -12.34 15.57 -8.18
N ILE B 181 -12.20 15.39 -6.86
CA ILE B 181 -13.27 15.61 -5.92
C ILE B 181 -13.01 16.88 -5.18
N VAL B 182 -14.04 17.74 -5.12
CA VAL B 182 -14.05 18.95 -4.30
C VAL B 182 -14.24 18.54 -2.82
N PRO B 183 -13.37 19.02 -1.93
CA PRO B 183 -13.48 18.71 -0.50
C PRO B 183 -14.92 18.99 0.00
N PRO B 184 -15.56 18.02 0.73
CA PRO B 184 -16.93 18.14 1.11
C PRO B 184 -17.21 19.42 1.90
N ALA B 185 -18.27 20.11 1.50
CA ALA B 185 -18.79 21.26 2.22
C ALA B 185 -18.94 20.93 3.73
N SER B 186 -18.44 21.80 4.60
CA SER B 186 -18.48 21.48 6.04
C SER B 186 -19.27 22.48 6.93
N THR B 187 -20.00 23.40 6.30
CA THR B 187 -20.81 24.37 7.00
C THR B 187 -22.01 24.60 6.12
N ILE B 188 -23.10 25.14 6.70
CA ILE B 188 -24.30 25.51 5.96
C ILE B 188 -23.97 26.53 4.81
N GLU B 189 -23.08 27.48 5.08
CA GLU B 189 -22.62 28.47 4.06
C GLU B 189 -21.90 27.76 2.86
N GLU B 190 -20.94 26.86 3.13
CA GLU B 190 -20.31 26.11 2.02
C GLU B 190 -21.29 25.19 1.22
N LYS B 191 -22.27 24.57 1.88
CA LYS B 191 -23.32 23.79 1.18
C LYS B 191 -24.01 24.67 0.11
N LYS B 192 -24.37 25.89 0.50
CA LYS B 192 -25.01 26.88 -0.38
C LYS B 192 -24.09 27.19 -1.56
N GLN B 193 -22.85 27.50 -1.24
CA GLN B 193 -21.82 27.65 -2.28
C GLN B 193 -21.72 26.51 -3.33
N ARG B 194 -21.77 25.25 -2.86
CA ARG B 194 -21.78 24.10 -3.78
C ARG B 194 -22.97 24.13 -4.68
N GLU B 195 -24.14 24.40 -4.11
CA GLU B 195 -25.40 24.39 -4.85
C GLU B 195 -25.43 25.46 -5.95
N GLU B 196 -24.90 26.64 -5.62
CA GLU B 196 -24.71 27.73 -6.59
C GLU B 196 -23.68 27.35 -7.67
N ALA B 197 -22.53 26.82 -7.26
CA ALA B 197 -21.52 26.42 -8.23
C ALA B 197 -22.07 25.33 -9.18
N LYS B 198 -22.82 24.36 -8.65
CA LYS B 198 -23.44 23.36 -9.50
C LYS B 198 -24.45 23.96 -10.50
N ALA B 199 -25.28 24.90 -10.03
CA ALA B 199 -26.20 25.69 -10.89
C ALA B 199 -25.47 26.51 -11.98
N LYS B 200 -24.23 26.88 -11.77
CA LYS B 200 -23.51 27.56 -12.82
C LYS B 200 -22.68 26.60 -13.71
N GLY B 201 -22.87 25.27 -13.59
CA GLY B 201 -22.04 24.30 -14.33
C GLY B 201 -20.54 24.35 -14.00
N GLU B 202 -20.14 25.00 -12.91
CA GLU B 202 -18.72 24.97 -12.52
C GLU B 202 -18.28 23.64 -11.92
N ILE B 203 -19.25 22.87 -11.40
CA ILE B 203 -18.95 21.57 -10.78
C ILE B 203 -20.14 20.67 -11.05
N GLU B 204 -19.97 19.36 -10.87
CA GLU B 204 -21.03 18.36 -10.98
C GLU B 204 -21.18 17.67 -9.59
N CYS B 205 -22.39 17.26 -9.18
CA CYS B 205 -22.55 16.65 -7.85
C CYS B 205 -23.51 15.50 -7.90
N TYR B 206 -23.26 14.45 -7.12
CA TYR B 206 -24.32 13.53 -6.74
C TYR B 206 -25.13 14.09 -5.56
N ASP B 207 -24.53 14.95 -4.75
CA ASP B 207 -25.22 15.56 -3.59
C ASP B 207 -24.38 16.80 -3.24
N TRP B 208 -24.88 17.68 -2.37
CA TRP B 208 -24.12 18.88 -1.94
C TRP B 208 -22.73 18.56 -1.31
N TRP B 209 -22.60 17.35 -0.74
CA TRP B 209 -21.32 16.92 -0.14
C TRP B 209 -20.39 16.08 -1.07
N PHE B 210 -20.88 15.68 -2.25
CA PHE B 210 -20.11 14.83 -3.21
C PHE B 210 -20.03 15.58 -4.52
N CYS B 211 -19.12 16.54 -4.62
CA CYS B 211 -18.94 17.29 -5.84
C CYS B 211 -17.56 16.96 -6.50
N TYR B 212 -17.54 17.09 -7.81
CA TYR B 212 -16.34 16.83 -8.60
C TYR B 212 -16.20 17.71 -9.87
N LYS B 213 -15.00 17.78 -10.44
CA LYS B 213 -14.76 18.60 -11.64
C LYS B 213 -13.61 18.05 -12.49
N LYS B 214 -13.43 18.60 -13.68
CA LYS B 214 -12.32 18.25 -14.60
C LYS B 214 -11.01 18.65 -14.03
N LEU B 215 -9.99 17.89 -14.35
CA LEU B 215 -8.67 18.17 -13.83
C LEU B 215 -8.10 19.52 -14.29
C1 GOL C . -10.97 14.39 2.01
O1 GOL C . -11.25 15.62 1.31
C2 GOL C . -12.36 13.75 2.29
O2 GOL C . -12.30 12.50 3.01
C3 GOL C . -13.16 13.64 0.97
O3 GOL C . -13.80 12.37 1.13
C1 GOL D . 11.93 -14.81 0.11
O1 GOL D . 11.04 -14.76 1.21
C2 GOL D . 12.14 -13.44 -0.61
O2 GOL D . 12.93 -12.43 0.04
C3 GOL D . 12.74 -13.70 -2.01
O3 GOL D . 13.35 -12.49 -2.49
#